data_4IC5
#
_entry.id   4IC5
#
_cell.length_a   109.090
_cell.length_b   125.952
_cell.length_c   83.325
_cell.angle_alpha   90.00
_cell.angle_beta   102.91
_cell.angle_gamma   90.00
#
_symmetry.space_group_name_H-M   'C 1 2 1'
#
loop_
_entity.id
_entity.type
_entity.pdbx_description
1 polymer 'Protease Do-like 5, chloroplastic'
2 non-polymer 'CALCIUM ION'
3 water water
#
_entity_poly.entity_id   1
_entity_poly.type   'polypeptide(L)'
_entity_poly.pdbx_seq_one_letter_code
;MGSSHHHHHHSSGLVPRGSHMASALEQFKEKEEELEEEEERNVNLFQKTSPSVVYIEAIELPKTSSGDILTDEENGKIEG
TGSGFVWDKLGHIVTNYHVIAKLATDQFGLQRCKVSLVDAKGTRFSKEGKIVGLDPDNDLAVLKIETEGRELNPVVLGTS
NDLRVGQSCFAIGNPYGYENTLTIGVVSGLGREIPSPNGKSISEAIQTDADINSGNAGGPLLDSYGHTIGVNTATFTRKG
SGMSSGVNFAIPIDTVVRTVPYLIVYGTAYRDRLSSVDKLAAALEHHHHHH
;
_entity_poly.pdbx_strand_id   A,B,C
#
loop_
_chem_comp.id
_chem_comp.type
_chem_comp.name
_chem_comp.formula
CA non-polymer 'CALCIUM ION' 'Ca 2'
#
# COMPACT_ATOMS: atom_id res chain seq x y z
N GLU A 33 -0.74 -18.37 -19.72
CA GLU A 33 0.52 -18.05 -19.06
C GLU A 33 0.80 -18.95 -17.86
N GLU A 34 2.08 -18.98 -17.49
CA GLU A 34 2.57 -19.66 -16.30
C GLU A 34 2.33 -18.76 -15.09
N LEU A 35 1.56 -17.68 -15.30
CA LEU A 35 1.14 -16.81 -14.22
C LEU A 35 -0.06 -17.39 -13.49
N GLU A 36 -0.20 -17.07 -12.21
CA GLU A 36 -1.36 -17.48 -11.46
C GLU A 36 -2.62 -16.82 -12.04
N GLU A 37 -3.79 -17.41 -11.82
CA GLU A 37 -5.04 -16.87 -12.38
C GLU A 37 -5.18 -15.38 -12.13
N GLU A 38 -4.90 -14.95 -10.89
CA GLU A 38 -5.05 -13.55 -10.51
C GLU A 38 -4.11 -12.64 -11.29
N GLU A 39 -2.83 -13.01 -11.36
CA GLU A 39 -1.89 -12.28 -12.20
C GLU A 39 -2.43 -12.19 -13.64
N GLU A 40 -3.00 -13.28 -14.14
CA GLU A 40 -3.53 -13.30 -15.50
C GLU A 40 -4.63 -12.27 -15.70
N ARG A 41 -5.57 -12.20 -14.78
CA ARG A 41 -6.61 -11.20 -14.88
CA ARG A 41 -6.61 -11.20 -14.91
C ARG A 41 -5.99 -9.80 -14.83
N ASN A 42 -5.08 -9.59 -13.88
CA ASN A 42 -4.43 -8.28 -13.76
C ASN A 42 -3.75 -7.88 -15.05
N VAL A 43 -2.96 -8.79 -15.59
CA VAL A 43 -2.17 -8.52 -16.78
C VAL A 43 -3.07 -8.16 -17.97
N ASN A 44 -4.20 -8.84 -18.08
CA ASN A 44 -5.12 -8.61 -19.18
C ASN A 44 -5.91 -7.33 -19.01
N LEU A 45 -6.39 -7.11 -17.79
CA LEU A 45 -7.10 -5.90 -17.48
C LEU A 45 -6.26 -4.72 -17.91
N PHE A 46 -5.00 -4.73 -17.52
CA PHE A 46 -4.11 -3.62 -17.89
C PHE A 46 -3.97 -3.48 -19.41
N GLN A 47 -3.73 -4.59 -20.09
CA GLN A 47 -3.55 -4.55 -21.53
C GLN A 47 -4.77 -3.97 -22.23
N LYS A 48 -5.96 -4.30 -21.75
CA LYS A 48 -7.14 -3.90 -22.48
C LYS A 48 -7.67 -2.52 -22.09
N THR A 49 -7.16 -1.97 -20.99
CA THR A 49 -7.62 -0.65 -20.54
C THR A 49 -6.60 0.48 -20.55
N SER A 50 -5.30 0.18 -20.60
CA SER A 50 -4.31 1.25 -20.58
C SER A 50 -4.32 2.12 -21.85
N PRO A 51 -4.76 1.56 -22.99
CA PRO A 51 -4.87 2.38 -24.21
C PRO A 51 -5.91 3.49 -24.09
N SER A 52 -6.78 3.42 -23.09
CA SER A 52 -7.77 4.46 -22.87
C SER A 52 -7.22 5.59 -22.01
N VAL A 53 -5.98 5.46 -21.58
CA VAL A 53 -5.49 6.38 -20.59
C VAL A 53 -4.57 7.40 -21.23
N VAL A 54 -4.65 8.63 -20.77
CA VAL A 54 -3.91 9.70 -21.45
C VAL A 54 -3.13 10.51 -20.47
N TYR A 55 -2.08 11.13 -21.00
CA TYR A 55 -1.15 11.94 -20.25
C TYR A 55 -1.37 13.41 -20.60
N ILE A 56 -1.43 14.26 -19.58
CA ILE A 56 -1.79 15.64 -19.79
C ILE A 56 -0.77 16.58 -19.20
N GLU A 57 -0.14 17.36 -20.07
CA GLU A 57 0.86 18.33 -19.66
C GLU A 57 0.31 19.74 -19.78
N ALA A 58 0.32 20.45 -18.66
CA ALA A 58 -0.02 21.86 -18.64
C ALA A 58 1.26 22.69 -18.82
N ILE A 59 1.53 23.10 -20.05
CA ILE A 59 2.74 23.83 -20.36
C ILE A 59 2.53 25.34 -20.33
N GLU A 60 3.43 26.05 -19.66
CA GLU A 60 3.44 27.51 -19.74
C GLU A 60 4.46 27.97 -20.77
N LEU A 61 4.02 28.83 -21.69
CA LEU A 61 4.90 29.35 -22.74
C LEU A 61 5.68 30.58 -22.29
N GLU A 79 4.34 24.68 -13.87
CA GLU A 79 3.83 23.57 -14.65
C GLU A 79 2.91 22.67 -13.81
N GLY A 80 2.48 21.56 -14.39
CA GLY A 80 1.59 20.63 -13.73
C GLY A 80 1.15 19.52 -14.67
N THR A 81 1.36 18.27 -14.25
CA THR A 81 0.98 17.13 -15.09
C THR A 81 -0.15 16.31 -14.47
N GLY A 82 -0.83 15.54 -15.32
CA GLY A 82 -1.95 14.74 -14.86
C GLY A 82 -2.26 13.63 -15.82
N SER A 83 -3.24 12.79 -15.46
CA SER A 83 -3.74 11.77 -16.37
C SER A 83 -5.18 12.11 -16.73
N GLY A 84 -5.72 11.37 -17.68
CA GLY A 84 -7.13 11.49 -18.02
C GLY A 84 -7.49 10.26 -18.81
N PHE A 85 -8.72 10.18 -19.27
CA PHE A 85 -9.09 9.04 -20.10
C PHE A 85 -10.04 9.41 -21.22
N VAL A 86 -10.06 8.55 -22.22
CA VAL A 86 -10.82 8.76 -23.43
C VAL A 86 -12.27 8.41 -23.17
N TRP A 87 -13.11 9.41 -23.34
CA TRP A 87 -14.53 9.28 -23.09
C TRP A 87 -15.23 8.70 -24.32
N ASP A 88 -14.91 9.23 -25.50
CA ASP A 88 -15.54 8.78 -26.74
C ASP A 88 -14.67 8.92 -27.98
N LYS A 89 -15.10 8.31 -29.09
CA LYS A 89 -14.34 8.32 -30.33
C LYS A 89 -14.19 9.73 -30.95
N LEU A 90 -15.12 10.63 -30.60
CA LEU A 90 -15.06 12.01 -31.09
C LEU A 90 -13.81 12.76 -30.62
N GLY A 91 -13.21 12.31 -29.54
CA GLY A 91 -12.03 12.97 -29.00
C GLY A 91 -12.28 13.71 -27.70
N HIS A 92 -13.31 13.32 -26.95
CA HIS A 92 -13.49 13.89 -25.62
C HIS A 92 -12.68 13.16 -24.55
N ILE A 93 -12.06 13.96 -23.68
CA ILE A 93 -11.20 13.45 -22.63
C ILE A 93 -11.71 13.93 -21.28
N VAL A 94 -11.83 13.01 -20.33
CA VAL A 94 -12.20 13.37 -18.96
C VAL A 94 -10.95 13.38 -18.08
N THR A 95 -10.86 14.37 -17.19
CA THR A 95 -9.81 14.42 -16.18
C THR A 95 -10.28 15.19 -14.95
N ASN A 96 -9.35 15.52 -14.06
CA ASN A 96 -9.65 16.33 -12.90
C ASN A 96 -9.60 17.79 -13.26
N TYR A 97 -10.39 18.60 -12.57
CA TYR A 97 -10.30 20.04 -12.72
C TYR A 97 -8.97 20.58 -12.19
N HIS A 98 -8.52 20.06 -11.05
N HIS A 98 -8.50 20.03 -11.08
CA HIS A 98 -7.26 20.50 -10.48
CA HIS A 98 -7.25 20.50 -10.46
C HIS A 98 -6.12 20.36 -11.49
C HIS A 98 -6.01 20.08 -11.24
N VAL A 99 -6.20 19.33 -12.32
CA VAL A 99 -5.13 19.05 -13.27
C VAL A 99 -5.00 20.17 -14.30
N ILE A 100 -6.13 20.72 -14.72
CA ILE A 100 -6.15 21.80 -15.72
C ILE A 100 -6.56 23.14 -15.13
N ALA A 101 -6.33 23.31 -13.83
CA ALA A 101 -6.83 24.48 -13.11
C ALA A 101 -6.26 25.79 -13.63
N LYS A 102 -4.94 25.85 -13.80
CA LYS A 102 -4.28 27.07 -14.25
C LYS A 102 -4.64 27.49 -15.68
N LEU A 103 -4.78 26.50 -16.56
CA LEU A 103 -5.19 26.73 -17.94
C LEU A 103 -6.62 27.28 -18.03
N ALA A 104 -7.42 27.03 -17.00
CA ALA A 104 -8.82 27.41 -17.01
C ALA A 104 -9.08 28.70 -16.26
N THR A 105 -8.23 28.99 -15.27
CA THR A 105 -8.44 30.17 -14.45
C THR A 105 -7.43 31.26 -14.80
N ASP A 106 -6.15 30.92 -14.74
CA ASP A 106 -5.08 31.87 -15.07
C ASP A 106 -5.20 32.33 -16.52
N GLN A 107 -5.19 31.36 -17.43
CA GLN A 107 -5.22 31.65 -18.86
C GLN A 107 -4.10 32.63 -19.20
N PHE A 108 -4.37 33.92 -19.05
CA PHE A 108 -3.42 34.99 -19.35
C PHE A 108 -3.12 35.05 -20.84
N GLY A 109 -2.79 33.90 -21.43
CA GLY A 109 -2.55 33.80 -22.86
C GLY A 109 -1.66 32.64 -23.23
N LEU A 110 -0.54 32.50 -22.52
CA LEU A 110 0.46 31.49 -22.82
C LEU A 110 -0.01 30.05 -22.57
N GLN A 111 -0.69 29.84 -21.43
CA GLN A 111 -1.17 28.52 -21.03
C GLN A 111 -1.71 27.67 -22.18
N ARG A 112 -1.05 26.54 -22.44
CA ARG A 112 -1.52 25.57 -23.43
C ARG A 112 -1.76 24.20 -22.76
N CYS A 113 -2.15 23.22 -23.55
CA CYS A 113 -2.49 21.92 -23.01
C CYS A 113 -2.20 20.78 -23.98
N LYS A 114 -1.15 20.01 -23.72
CA LYS A 114 -0.81 18.91 -24.61
C LYS A 114 -1.28 17.57 -24.07
N VAL A 115 -1.81 16.75 -24.97
CA VAL A 115 -2.35 15.46 -24.61
C VAL A 115 -1.66 14.34 -25.40
N SER A 116 -1.13 13.35 -24.69
CA SER A 116 -0.49 12.24 -25.36
C SER A 116 -1.25 10.96 -25.11
N LEU A 117 -1.38 10.14 -26.14
CA LEU A 117 -2.10 8.90 -26.01
C LEU A 117 -1.73 7.94 -27.12
N VAL A 118 -2.62 7.01 -27.39
CA VAL A 118 -2.33 5.89 -28.26
C VAL A 118 -3.60 5.58 -29.01
N ASP A 119 -3.49 5.28 -30.30
CA ASP A 119 -4.67 4.99 -31.11
C ASP A 119 -5.01 3.51 -31.04
N ALA A 120 -5.89 3.04 -31.94
CA ALA A 120 -6.33 1.66 -31.90
C ALA A 120 -5.29 0.72 -32.51
N LYS A 121 -4.36 1.27 -33.28
CA LYS A 121 -3.31 0.48 -33.90
C LYS A 121 -2.12 0.29 -32.97
N GLY A 122 -2.03 1.16 -31.95
CA GLY A 122 -0.97 1.07 -30.96
C GLY A 122 0.00 2.23 -31.03
N THR A 123 -0.19 3.10 -32.02
CA THR A 123 0.73 4.22 -32.25
C THR A 123 0.57 5.34 -31.22
N ARG A 124 1.66 5.65 -30.52
CA ARG A 124 1.69 6.80 -29.64
C ARG A 124 1.53 8.07 -30.48
N PHE A 125 0.88 9.08 -29.92
CA PHE A 125 0.73 10.36 -30.60
C PHE A 125 0.20 11.44 -29.68
N SER A 126 0.37 12.69 -30.09
CA SER A 126 0.10 13.82 -29.22
C SER A 126 -0.76 14.87 -29.94
N LYS A 127 -1.48 15.67 -29.17
CA LYS A 127 -2.40 16.67 -29.72
C LYS A 127 -2.68 17.79 -28.74
N GLU A 128 -3.09 18.94 -29.26
CA GLU A 128 -3.50 20.05 -28.41
C GLU A 128 -4.88 19.75 -27.86
N GLY A 129 -5.10 20.11 -26.61
CA GLY A 129 -6.36 19.82 -25.97
C GLY A 129 -7.08 21.08 -25.54
N LYS A 130 -8.35 21.16 -25.91
CA LYS A 130 -9.15 22.35 -25.68
C LYS A 130 -10.21 22.07 -24.61
N ILE A 131 -10.40 23.02 -23.70
CA ILE A 131 -11.44 22.91 -22.66
C ILE A 131 -12.85 23.00 -23.25
N VAL A 132 -13.68 22.02 -22.91
CA VAL A 132 -15.06 21.96 -23.37
C VAL A 132 -16.02 22.37 -22.25
N GLY A 133 -15.74 21.91 -21.04
CA GLY A 133 -16.56 22.21 -19.89
C GLY A 133 -15.81 22.01 -18.58
N LEU A 134 -16.22 22.74 -17.55
CA LEU A 134 -15.58 22.63 -16.25
C LEU A 134 -16.62 22.40 -15.16
N ASP A 135 -16.23 21.64 -14.14
CA ASP A 135 -17.08 21.45 -12.97
C ASP A 135 -16.22 21.29 -11.72
N PRO A 136 -15.71 22.42 -11.21
CA PRO A 136 -14.82 22.43 -10.04
C PRO A 136 -15.50 21.88 -8.78
N ASP A 137 -16.82 22.03 -8.68
CA ASP A 137 -17.57 21.46 -7.55
C ASP A 137 -17.37 19.96 -7.37
N ASN A 138 -17.44 19.20 -8.46
CA ASN A 138 -17.12 17.78 -8.42
C ASN A 138 -15.69 17.42 -8.90
N ASP A 139 -14.81 18.42 -8.99
CA ASP A 139 -13.45 18.20 -9.51
C ASP A 139 -13.41 17.52 -10.88
N LEU A 140 -14.27 17.93 -11.80
CA LEU A 140 -14.27 17.34 -13.13
C LEU A 140 -13.98 18.37 -14.20
N ALA A 141 -13.45 17.88 -15.32
CA ALA A 141 -13.21 18.73 -16.49
C ALA A 141 -13.24 17.86 -17.74
N VAL A 142 -13.68 18.43 -18.86
CA VAL A 142 -13.69 17.69 -20.11
C VAL A 142 -12.86 18.42 -21.14
N LEU A 143 -12.08 17.67 -21.90
CA LEU A 143 -11.25 18.23 -22.94
C LEU A 143 -11.62 17.59 -24.26
N LYS A 144 -11.22 18.25 -25.33
CA LYS A 144 -11.49 17.76 -26.66
C LYS A 144 -10.19 17.85 -27.44
N ILE A 145 -9.93 16.84 -28.24
CA ILE A 145 -8.81 16.86 -29.17
C ILE A 145 -9.33 16.53 -30.55
N GLU A 146 -8.52 16.80 -31.56
CA GLU A 146 -8.84 16.46 -32.94
C GLU A 146 -8.24 15.10 -33.33
N THR A 147 -9.10 14.10 -33.50
CA THR A 147 -8.64 12.77 -33.85
C THR A 147 -8.03 12.76 -35.24
N GLU A 148 -8.64 13.51 -36.15
CA GLU A 148 -8.22 13.57 -37.54
C GLU A 148 -8.00 12.15 -38.10
N GLY A 149 -9.02 11.31 -37.98
CA GLY A 149 -8.98 9.98 -38.57
C GLY A 149 -8.34 8.90 -37.74
N ARG A 150 -7.78 9.28 -36.59
CA ARG A 150 -7.26 8.30 -35.63
C ARG A 150 -8.43 7.61 -34.95
N GLU A 151 -8.32 6.31 -34.73
CA GLU A 151 -9.32 5.65 -33.89
C GLU A 151 -8.84 5.55 -32.43
N LEU A 152 -9.68 6.01 -31.52
CA LEU A 152 -9.36 6.04 -30.11
C LEU A 152 -9.92 4.83 -29.37
N ASN A 153 -9.60 4.74 -28.08
CA ASN A 153 -10.06 3.65 -27.21
C ASN A 153 -10.76 4.19 -25.98
N PRO A 154 -12.09 4.29 -26.06
CA PRO A 154 -12.87 4.86 -24.96
C PRO A 154 -13.00 3.85 -23.81
N VAL A 155 -13.08 4.36 -22.58
CA VAL A 155 -13.33 3.50 -21.43
C VAL A 155 -14.68 2.80 -21.59
N VAL A 156 -14.85 1.72 -20.85
CA VAL A 156 -16.15 1.09 -20.71
C VAL A 156 -16.67 1.53 -19.35
N LEU A 157 -17.74 2.31 -19.36
CA LEU A 157 -18.31 2.86 -18.12
C LEU A 157 -19.01 1.79 -17.33
N GLY A 158 -18.79 1.80 -16.01
CA GLY A 158 -19.50 0.95 -15.09
C GLY A 158 -20.44 1.77 -14.21
N THR A 159 -20.72 1.26 -13.03
CA THR A 159 -21.62 1.95 -12.11
C THR A 159 -20.99 2.02 -10.73
N SER A 160 -21.35 3.03 -9.95
CA SER A 160 -20.74 3.19 -8.65
C SER A 160 -21.71 3.03 -7.49
N ASN A 161 -23.01 2.95 -7.78
CA ASN A 161 -24.01 2.82 -6.71
C ASN A 161 -24.13 1.40 -6.11
N ASP A 162 -23.65 0.39 -6.85
CA ASP A 162 -23.74 -0.98 -6.38
C ASP A 162 -22.37 -1.56 -5.95
N LEU A 163 -21.43 -0.68 -5.63
CA LEU A 163 -20.12 -1.10 -5.16
C LEU A 163 -20.22 -1.67 -3.74
N ARG A 164 -19.30 -2.57 -3.40
CA ARG A 164 -19.22 -3.14 -2.06
CA ARG A 164 -19.24 -3.14 -2.06
C ARG A 164 -17.82 -3.00 -1.50
N VAL A 165 -17.72 -2.49 -0.28
CA VAL A 165 -16.42 -2.38 0.39
C VAL A 165 -15.80 -3.77 0.40
N GLY A 166 -14.56 -3.88 -0.11
CA GLY A 166 -13.89 -5.17 -0.18
C GLY A 166 -13.62 -5.72 -1.57
N GLN A 167 -14.30 -5.18 -2.58
CA GLN A 167 -14.01 -5.65 -3.93
C GLN A 167 -12.76 -4.96 -4.50
N SER A 168 -12.17 -5.58 -5.51
CA SER A 168 -10.90 -5.13 -6.07
C SER A 168 -11.08 -3.84 -6.83
N CYS A 169 -10.04 -3.02 -6.84
CA CYS A 169 -10.03 -1.87 -7.72
C CYS A 169 -8.62 -1.60 -8.25
N PHE A 170 -8.58 -1.01 -9.43
CA PHE A 170 -7.36 -0.85 -10.20
C PHE A 170 -7.26 0.59 -10.66
N ALA A 171 -6.22 1.29 -10.21
CA ALA A 171 -6.00 2.65 -10.64
C ALA A 171 -4.90 2.68 -11.69
N ILE A 172 -5.16 3.35 -12.80
CA ILE A 172 -4.21 3.50 -13.89
C ILE A 172 -3.93 4.97 -14.21
N GLY A 173 -2.67 5.28 -14.48
CA GLY A 173 -2.24 6.62 -14.80
C GLY A 173 -1.09 6.60 -15.78
N ASN A 174 -0.68 7.79 -16.23
CA ASN A 174 0.53 7.96 -17.03
C ASN A 174 1.33 9.02 -16.32
N PRO A 175 2.36 8.59 -15.58
CA PRO A 175 3.03 9.43 -14.57
C PRO A 175 4.11 10.38 -15.10
N TYR A 176 4.85 9.98 -16.12
CA TYR A 176 5.94 10.82 -16.62
C TYR A 176 5.92 11.00 -18.15
N GLY A 177 4.81 10.63 -18.77
CA GLY A 177 4.66 10.80 -20.21
C GLY A 177 5.09 9.61 -21.03
N TYR A 178 5.68 8.62 -20.37
CA TYR A 178 6.19 7.43 -21.05
C TYR A 178 5.24 6.24 -20.98
N GLU A 179 5.41 5.39 -19.97
CA GLU A 179 4.51 4.23 -19.82
C GLU A 179 3.33 4.52 -18.88
N ASN A 180 2.27 3.73 -18.99
CA ASN A 180 1.19 3.78 -18.02
C ASN A 180 1.49 2.93 -16.78
N THR A 181 0.96 3.33 -15.63
CA THR A 181 1.19 2.59 -14.41
C THR A 181 -0.08 1.98 -13.86
N LEU A 182 0.08 0.95 -13.05
CA LEU A 182 -1.02 0.20 -12.48
C LEU A 182 -0.84 0.10 -10.97
N THR A 183 -1.87 0.44 -10.21
CA THR A 183 -1.89 0.14 -8.78
C THR A 183 -3.17 -0.57 -8.36
N ILE A 184 -3.03 -1.51 -7.43
CA ILE A 184 -4.14 -2.38 -7.10
C ILE A 184 -4.48 -2.32 -5.62
N GLY A 185 -5.78 -2.28 -5.35
CA GLY A 185 -6.22 -2.27 -3.97
C GLY A 185 -7.61 -2.84 -3.84
N VAL A 186 -8.30 -2.45 -2.78
CA VAL A 186 -9.72 -2.72 -2.69
C VAL A 186 -10.50 -1.43 -2.44
N VAL A 187 -11.81 -1.50 -2.65
CA VAL A 187 -12.67 -0.43 -2.17
C VAL A 187 -12.65 -0.44 -0.63
N SER A 188 -12.20 0.67 -0.04
CA SER A 188 -12.05 0.78 1.41
C SER A 188 -13.27 1.37 2.08
N GLY A 189 -13.95 2.25 1.37
CA GLY A 189 -15.11 2.94 1.91
C GLY A 189 -15.98 3.53 0.82
N LEU A 190 -17.26 3.65 1.11
CA LEU A 190 -18.21 4.27 0.20
C LEU A 190 -18.80 5.46 0.95
N GLY A 191 -18.44 6.65 0.50
CA GLY A 191 -18.69 7.88 1.24
C GLY A 191 -20.16 8.21 1.35
N ARG A 192 -20.47 9.24 2.14
CA ARG A 192 -21.85 9.66 2.32
C ARG A 192 -22.24 10.67 1.23
N GLU A 193 -23.54 10.91 1.08
CA GLU A 193 -24.00 11.88 0.10
C GLU A 193 -23.71 13.32 0.56
N ILE A 194 -23.10 14.10 -0.31
CA ILE A 194 -22.86 15.53 -0.04
C ILE A 194 -23.61 16.39 -1.06
N PRO A 195 -24.73 17.00 -0.65
CA PRO A 195 -25.59 17.79 -1.54
C PRO A 195 -24.86 18.96 -2.20
N SER A 196 -24.00 19.64 -1.44
CA SER A 196 -23.20 20.73 -1.99
C SER A 196 -21.71 20.49 -1.73
N PRO A 197 -21.09 19.62 -2.55
CA PRO A 197 -19.68 19.20 -2.40
C PRO A 197 -18.73 20.38 -2.18
N ASN A 198 -18.79 21.36 -3.08
CA ASN A 198 -17.94 22.54 -3.02
C ASN A 198 -16.45 22.25 -2.86
N GLY A 199 -15.75 22.27 -3.98
CA GLY A 199 -14.30 22.16 -4.00
C GLY A 199 -13.74 20.90 -3.39
N LYS A 200 -13.40 20.96 -2.11
CA LYS A 200 -12.61 19.92 -1.47
C LYS A 200 -13.44 18.92 -0.66
N SER A 201 -14.40 18.30 -1.32
CA SER A 201 -15.29 17.34 -0.67
C SER A 201 -16.11 16.59 -1.72
N ILE A 202 -15.97 15.27 -1.71
CA ILE A 202 -16.64 14.43 -2.70
C ILE A 202 -17.89 13.77 -2.13
N SER A 203 -19.02 14.01 -2.78
CA SER A 203 -20.23 13.28 -2.44
C SER A 203 -20.13 11.84 -2.96
N GLU A 204 -20.39 10.88 -2.09
CA GLU A 204 -20.35 9.47 -2.49
C GLU A 204 -18.94 9.03 -2.88
N ALA A 205 -17.92 9.68 -2.31
CA ALA A 205 -16.53 9.38 -2.63
C ALA A 205 -16.23 7.90 -2.46
N ILE A 206 -15.45 7.36 -3.38
CA ILE A 206 -14.94 6.02 -3.26
C ILE A 206 -13.57 6.09 -2.62
N GLN A 207 -13.42 5.43 -1.48
CA GLN A 207 -12.14 5.37 -0.81
C GLN A 207 -11.44 4.05 -1.13
N THR A 208 -10.14 4.12 -1.37
CA THR A 208 -9.42 2.95 -1.80
C THR A 208 -8.06 2.92 -1.14
N ASP A 209 -7.47 1.73 -1.04
CA ASP A 209 -6.08 1.65 -0.58
C ASP A 209 -5.08 1.34 -1.71
N ALA A 210 -5.57 1.36 -2.96
CA ALA A 210 -4.67 1.40 -4.13
C ALA A 210 -3.94 2.73 -4.10
N ASP A 211 -2.62 2.72 -4.27
CA ASP A 211 -1.83 3.95 -4.14
C ASP A 211 -2.23 4.97 -5.18
N ILE A 212 -2.65 6.15 -4.72
CA ILE A 212 -3.06 7.21 -5.64
C ILE A 212 -2.30 8.51 -5.37
N ASN A 213 -1.62 8.99 -6.41
CA ASN A 213 -0.78 10.16 -6.32
C ASN A 213 -0.96 11.05 -7.53
N SER A 214 -0.06 12.01 -7.69
CA SER A 214 -0.06 12.90 -8.84
C SER A 214 0.05 12.15 -10.17
N GLY A 215 0.92 11.13 -10.18
CA GLY A 215 1.16 10.32 -11.36
C GLY A 215 -0.06 9.62 -11.98
N ASN A 216 -1.19 9.64 -11.28
CA ASN A 216 -2.40 9.01 -11.81
C ASN A 216 -3.72 9.67 -11.45
N ALA A 217 -3.66 10.83 -10.78
CA ALA A 217 -4.85 11.69 -10.65
C ALA A 217 -5.48 11.99 -12.01
N GLY A 218 -6.80 11.99 -12.05
CA GLY A 218 -7.53 12.27 -13.28
C GLY A 218 -7.68 11.03 -14.13
N GLY A 219 -6.93 9.99 -13.80
CA GLY A 219 -7.08 8.72 -14.50
C GLY A 219 -8.18 7.85 -13.92
N PRO A 220 -8.52 6.78 -14.62
CA PRO A 220 -9.65 5.92 -14.24
C PRO A 220 -9.37 4.99 -13.05
N LEU A 221 -10.41 4.75 -12.26
CA LEU A 221 -10.41 3.68 -11.27
C LEU A 221 -11.26 2.56 -11.86
N LEU A 222 -10.75 1.34 -11.90
CA LEU A 222 -11.52 0.26 -12.52
C LEU A 222 -11.84 -0.87 -11.59
N ASP A 223 -12.89 -1.62 -11.91
CA ASP A 223 -13.20 -2.85 -11.19
C ASP A 223 -12.64 -4.07 -11.92
N SER A 224 -12.91 -5.25 -11.39
CA SER A 224 -12.24 -6.46 -11.86
C SER A 224 -12.67 -6.87 -13.28
N TYR A 225 -13.76 -6.29 -13.76
CA TYR A 225 -14.22 -6.52 -15.13
C TYR A 225 -13.62 -5.56 -16.15
N GLY A 226 -12.78 -4.63 -15.70
CA GLY A 226 -12.22 -3.64 -16.60
C GLY A 226 -13.11 -2.43 -16.82
N HIS A 227 -14.23 -2.37 -16.10
CA HIS A 227 -15.13 -1.22 -16.19
C HIS A 227 -14.69 -0.06 -15.32
N THR A 228 -14.89 1.15 -15.81
CA THR A 228 -14.57 2.34 -15.04
C THR A 228 -15.67 2.69 -14.05
N ILE A 229 -15.30 2.73 -12.77
CA ILE A 229 -16.21 2.99 -11.66
C ILE A 229 -15.85 4.30 -10.96
N GLY A 230 -14.76 4.95 -11.37
CA GLY A 230 -14.45 6.23 -10.79
C GLY A 230 -13.32 6.99 -11.46
N VAL A 231 -13.09 8.20 -10.97
CA VAL A 231 -11.98 9.02 -11.41
C VAL A 231 -11.06 9.31 -10.23
N ASN A 232 -9.79 8.93 -10.34
CA ASN A 232 -8.82 9.22 -9.28
C ASN A 232 -8.67 10.72 -9.05
N THR A 233 -8.68 11.15 -7.81
CA THR A 233 -8.30 12.52 -7.50
C THR A 233 -7.13 12.50 -6.53
N ALA A 234 -6.51 13.65 -6.33
CA ALA A 234 -5.43 13.75 -5.37
C ALA A 234 -5.43 15.11 -4.69
N THR A 235 -6.24 16.03 -5.22
CA THR A 235 -6.32 17.38 -4.67
C THR A 235 -6.72 17.33 -3.20
N PHE A 236 -7.27 16.19 -2.78
CA PHE A 236 -7.57 15.95 -1.37
C PHE A 236 -6.59 14.90 -0.84
N VAL A 247 -4.52 7.21 2.63
CA VAL A 247 -5.94 7.23 2.30
C VAL A 247 -6.25 7.96 0.98
N ASN A 248 -6.83 7.25 0.03
CA ASN A 248 -7.02 7.76 -1.32
C ASN A 248 -8.49 7.75 -1.75
N PHE A 249 -8.84 8.67 -2.66
CA PHE A 249 -10.24 8.86 -3.05
C PHE A 249 -10.45 8.94 -4.55
N ALA A 250 -11.58 8.38 -5.00
CA ALA A 250 -12.04 8.57 -6.37
C ALA A 250 -13.42 9.19 -6.40
N ILE A 251 -13.68 9.96 -7.45
CA ILE A 251 -15.00 10.47 -7.75
C ILE A 251 -15.78 9.37 -8.45
N PRO A 252 -16.97 9.04 -7.92
CA PRO A 252 -17.72 7.87 -8.39
C PRO A 252 -18.18 8.09 -9.81
N ILE A 253 -18.17 7.05 -10.63
CA ILE A 253 -18.44 7.22 -12.05
C ILE A 253 -19.88 7.68 -12.32
N ASP A 254 -20.79 7.36 -11.41
CA ASP A 254 -22.17 7.79 -11.53
C ASP A 254 -22.33 9.30 -11.52
N THR A 255 -21.46 10.00 -10.80
CA THR A 255 -21.49 11.46 -10.80
C THR A 255 -20.99 11.98 -12.14
N VAL A 256 -20.03 11.28 -12.72
CA VAL A 256 -19.47 11.62 -14.02
C VAL A 256 -20.44 11.32 -15.17
N VAL A 257 -21.20 10.25 -15.03
CA VAL A 257 -22.17 9.88 -16.04
C VAL A 257 -23.33 10.88 -16.11
N ARG A 258 -23.74 11.44 -14.96
CA ARG A 258 -24.76 12.50 -14.97
C ARG A 258 -24.21 13.84 -15.46
N THR A 259 -22.96 14.12 -15.17
CA THR A 259 -22.40 15.46 -15.40
C THR A 259 -21.76 15.68 -16.76
N VAL A 260 -21.02 14.71 -17.27
CA VAL A 260 -20.26 14.92 -18.49
C VAL A 260 -21.09 15.27 -19.73
N PRO A 261 -22.26 14.65 -19.92
CA PRO A 261 -23.11 15.04 -21.06
C PRO A 261 -23.50 16.53 -21.05
N TYR A 262 -23.69 17.13 -19.87
CA TYR A 262 -23.94 18.57 -19.78
C TYR A 262 -22.70 19.43 -20.06
N LEU A 263 -21.53 18.98 -19.59
CA LEU A 263 -20.30 19.71 -19.88
C LEU A 263 -20.05 19.74 -21.38
N ILE A 264 -20.38 18.64 -22.05
CA ILE A 264 -20.16 18.56 -23.48
C ILE A 264 -21.15 19.47 -24.23
N VAL A 265 -22.42 19.34 -23.91
CA VAL A 265 -23.45 20.02 -24.69
C VAL A 265 -23.62 21.49 -24.30
N TYR A 266 -23.54 21.80 -23.02
CA TYR A 266 -23.83 23.16 -22.54
C TYR A 266 -22.60 23.91 -22.04
N GLY A 267 -21.50 23.19 -21.85
CA GLY A 267 -20.30 23.79 -21.28
C GLY A 267 -20.28 23.96 -19.77
N THR A 268 -21.36 23.55 -19.09
CA THR A 268 -21.41 23.52 -17.61
C THR A 268 -22.42 22.50 -17.09
N ALA A 269 -22.31 22.16 -15.81
CA ALA A 269 -23.23 21.21 -15.18
C ALA A 269 -24.65 21.73 -15.20
N GLU B 33 -22.31 -13.73 -5.94
CA GLU B 33 -21.99 -12.53 -6.70
C GLU B 33 -21.13 -12.81 -7.93
N GLU B 34 -21.20 -11.87 -8.89
CA GLU B 34 -20.36 -11.88 -10.08
C GLU B 34 -18.94 -11.43 -9.71
N LEU B 35 -18.71 -11.24 -8.41
CA LEU B 35 -17.38 -10.93 -7.90
C LEU B 35 -16.50 -12.17 -7.93
N GLU B 36 -15.21 -11.98 -8.10
CA GLU B 36 -14.26 -13.09 -7.94
C GLU B 36 -14.29 -13.70 -6.52
N GLU B 37 -13.79 -14.92 -6.36
CA GLU B 37 -13.85 -15.59 -5.06
C GLU B 37 -13.21 -14.77 -3.96
N GLU B 38 -12.08 -14.14 -4.29
CA GLU B 38 -11.36 -13.35 -3.30
C GLU B 38 -12.15 -12.11 -2.88
N GLU B 39 -12.73 -11.41 -3.86
CA GLU B 39 -13.59 -10.27 -3.58
C GLU B 39 -14.74 -10.73 -2.69
N GLU B 40 -15.32 -11.89 -3.01
CA GLU B 40 -16.44 -12.41 -2.22
C GLU B 40 -16.03 -12.58 -0.78
N ARG B 41 -14.87 -13.18 -0.54
CA ARG B 41 -14.43 -13.35 0.83
CA ARG B 41 -14.42 -13.34 0.83
C ARG B 41 -14.26 -11.99 1.50
N ASN B 42 -13.60 -11.05 0.83
CA ASN B 42 -13.40 -9.72 1.41
C ASN B 42 -14.72 -9.06 1.79
N VAL B 43 -15.68 -9.12 0.87
CA VAL B 43 -16.94 -8.45 1.04
C VAL B 43 -17.73 -9.02 2.23
N ASN B 44 -17.69 -10.34 2.37
CA ASN B 44 -18.38 -11.00 3.47
C ASN B 44 -17.70 -10.75 4.81
N LEU B 45 -16.37 -10.84 4.81
CA LEU B 45 -15.59 -10.61 6.01
C LEU B 45 -15.94 -9.24 6.56
N PHE B 46 -16.01 -8.25 5.68
CA PHE B 46 -16.29 -6.90 6.13
C PHE B 46 -17.72 -6.77 6.65
N GLN B 47 -18.66 -7.37 5.94
CA GLN B 47 -20.05 -7.34 6.38
C GLN B 47 -20.23 -7.99 7.74
N LYS B 48 -19.51 -9.07 8.00
CA LYS B 48 -19.75 -9.76 9.26
C LYS B 48 -18.92 -9.24 10.44
N THR B 49 -17.90 -8.44 10.16
CA THR B 49 -17.04 -7.93 11.24
C THR B 49 -17.15 -6.44 11.56
N SER B 50 -17.55 -5.62 10.59
CA SER B 50 -17.60 -4.17 10.84
C SER B 50 -18.60 -3.75 11.92
N PRO B 51 -19.71 -4.50 12.08
CA PRO B 51 -20.63 -4.17 13.17
C PRO B 51 -19.94 -4.24 14.55
N SER B 52 -18.82 -4.94 14.65
CA SER B 52 -18.07 -5.00 15.90
C SER B 52 -17.22 -3.75 16.10
N VAL B 53 -17.11 -2.91 15.09
CA VAL B 53 -16.19 -1.80 15.19
C VAL B 53 -16.86 -0.53 15.71
N VAL B 54 -16.17 0.20 16.58
CA VAL B 54 -16.77 1.40 17.16
C VAL B 54 -15.89 2.62 16.93
N TYR B 55 -16.54 3.78 17.02
CA TYR B 55 -15.88 5.05 16.79
C TYR B 55 -15.81 5.81 18.11
N ILE B 56 -14.65 6.37 18.40
CA ILE B 56 -14.43 6.97 19.71
C ILE B 56 -13.97 8.42 19.60
N GLU B 57 -14.76 9.31 20.17
CA GLU B 57 -14.46 10.74 20.13
C GLU B 57 -14.10 11.23 21.52
N ALA B 58 -12.90 11.79 21.63
CA ALA B 58 -12.45 12.43 22.85
C ALA B 58 -12.77 13.93 22.79
N ILE B 59 -13.89 14.30 23.40
CA ILE B 59 -14.35 15.68 23.41
C ILE B 59 -13.77 16.45 24.58
N GLU B 60 -13.45 17.73 24.35
CA GLU B 60 -13.22 18.64 25.47
C GLU B 60 -14.38 19.63 25.59
N LEU B 61 -14.98 19.70 26.77
CA LEU B 61 -16.10 20.59 27.02
C LEU B 61 -15.64 22.03 27.28
N GLU B 79 -7.76 17.93 20.22
CA GLU B 79 -8.80 16.91 20.31
C GLU B 79 -8.21 15.51 20.08
N GLY B 80 -8.98 14.63 19.46
CA GLY B 80 -8.51 13.28 19.18
C GLY B 80 -9.61 12.25 18.99
N THR B 81 -9.55 11.54 17.87
CA THR B 81 -10.51 10.48 17.59
C THR B 81 -9.82 9.14 17.36
N GLY B 82 -10.58 8.05 17.43
CA GLY B 82 -10.02 6.73 17.23
C GLY B 82 -11.08 5.66 17.02
N SER B 83 -10.62 4.42 16.85
CA SER B 83 -11.51 3.28 16.71
C SER B 83 -11.36 2.39 17.93
N GLY B 84 -12.24 1.42 18.05
CA GLY B 84 -12.11 0.37 19.03
C GLY B 84 -13.08 -0.70 18.61
N PHE B 85 -13.16 -1.78 19.37
CA PHE B 85 -14.13 -2.81 19.04
C PHE B 85 -14.82 -3.40 20.26
N VAL B 86 -15.97 -4.00 20.01
CA VAL B 86 -16.80 -4.58 21.04
C VAL B 86 -16.19 -5.88 21.53
N TRP B 87 -15.92 -5.92 22.82
CA TRP B 87 -15.32 -7.07 23.46
C TRP B 87 -16.39 -8.06 23.92
N ASP B 88 -17.45 -7.56 24.53
CA ASP B 88 -18.52 -8.44 24.98
C ASP B 88 -19.90 -7.78 24.98
N LYS B 89 -20.95 -8.57 25.24
CA LYS B 89 -22.32 -8.04 25.26
C LYS B 89 -22.61 -7.12 26.45
N LEU B 90 -21.79 -7.19 27.50
CA LEU B 90 -21.98 -6.31 28.65
C LEU B 90 -21.78 -4.84 28.30
N GLY B 91 -20.99 -4.57 27.26
CA GLY B 91 -20.68 -3.21 26.88
C GLY B 91 -19.22 -2.84 27.10
N HIS B 92 -18.33 -3.82 27.13
CA HIS B 92 -16.90 -3.52 27.16
C HIS B 92 -16.33 -3.27 25.78
N ILE B 93 -15.55 -2.20 25.68
CA ILE B 93 -14.93 -1.82 24.41
C ILE B 93 -13.43 -1.80 24.59
N VAL B 94 -12.71 -2.42 23.65
CA VAL B 94 -11.27 -2.37 23.66
C VAL B 94 -10.79 -1.33 22.66
N THR B 95 -9.78 -0.55 23.05
CA THR B 95 -9.12 0.40 22.15
C THR B 95 -7.66 0.58 22.53
N ASN B 96 -7.01 1.57 21.92
CA ASN B 96 -5.63 1.93 22.28
C ASN B 96 -5.63 2.87 23.46
N TYR B 97 -4.55 2.84 24.23
CA TYR B 97 -4.38 3.81 25.31
C TYR B 97 -4.20 5.22 24.77
N HIS B 98 -3.39 5.36 23.72
N HIS B 98 -3.41 5.37 23.71
CA HIS B 98 -3.13 6.67 23.13
CA HIS B 98 -3.13 6.68 23.15
C HIS B 98 -4.42 7.33 22.67
C HIS B 98 -4.33 7.30 22.43
N VAL B 99 -5.39 6.53 22.27
CA VAL B 99 -6.65 7.07 21.76
C VAL B 99 -7.43 7.79 22.86
N ILE B 100 -7.28 7.34 24.10
CA ILE B 100 -7.98 7.94 25.23
C ILE B 100 -7.01 8.54 26.22
N ALA B 101 -5.84 8.95 25.73
CA ALA B 101 -4.76 9.38 26.61
C ALA B 101 -5.11 10.60 27.46
N LYS B 102 -5.63 11.64 26.82
CA LYS B 102 -5.96 12.87 27.54
C LYS B 102 -7.11 12.72 28.53
N LEU B 103 -8.15 11.99 28.13
CA LEU B 103 -9.26 11.68 29.02
C LEU B 103 -8.80 10.99 30.30
N ALA B 104 -7.75 10.18 30.20
CA ALA B 104 -7.28 9.37 31.30
C ALA B 104 -6.19 10.06 32.12
N THR B 105 -5.31 10.78 31.44
CA THR B 105 -4.20 11.43 32.12
C THR B 105 -4.61 12.81 32.62
N ASP B 106 -5.02 13.68 31.71
CA ASP B 106 -5.43 15.03 32.04
C ASP B 106 -6.67 15.02 32.92
N GLN B 107 -7.74 14.40 32.41
CA GLN B 107 -9.03 14.43 33.06
C GLN B 107 -9.43 15.89 33.28
N PHE B 108 -8.96 16.45 34.41
CA PHE B 108 -9.19 17.85 34.76
C PHE B 108 -10.65 18.13 35.12
N GLY B 109 -11.57 17.47 34.41
CA GLY B 109 -12.99 17.62 34.66
C GLY B 109 -13.81 17.63 33.39
N LEU B 110 -13.36 18.40 32.40
CA LEU B 110 -14.10 18.57 31.14
C LEU B 110 -14.12 17.32 30.25
N GLN B 111 -12.95 16.72 30.04
CA GLN B 111 -12.79 15.56 29.15
C GLN B 111 -13.90 14.51 29.27
N ARG B 112 -14.71 14.37 28.22
CA ARG B 112 -15.72 13.32 28.16
C ARG B 112 -15.34 12.27 27.13
N CYS B 113 -16.24 11.34 26.86
CA CYS B 113 -15.92 10.25 25.94
C CYS B 113 -17.14 9.66 25.23
N LYS B 114 -17.31 9.99 23.94
CA LYS B 114 -18.46 9.48 23.20
C LYS B 114 -18.09 8.29 22.32
N VAL B 115 -18.97 7.29 22.33
CA VAL B 115 -18.75 6.07 21.56
C VAL B 115 -19.94 5.81 20.63
N SER B 116 -19.67 5.74 19.34
CA SER B 116 -20.73 5.42 18.39
C SER B 116 -20.55 4.02 17.82
N LEU B 117 -21.65 3.31 17.69
CA LEU B 117 -21.62 1.96 17.16
C LEU B 117 -23.00 1.51 16.69
N VAL B 118 -23.12 0.22 16.46
CA VAL B 118 -24.31 -0.33 15.83
C VAL B 118 -24.73 -1.56 16.62
N ASP B 119 -26.02 -1.75 16.82
CA ASP B 119 -26.50 -2.90 17.57
C ASP B 119 -26.73 -4.07 16.62
N ALA B 120 -27.39 -5.11 17.09
CA ALA B 120 -27.56 -6.31 16.28
C ALA B 120 -28.65 -6.13 15.23
N LYS B 121 -29.48 -5.11 15.40
CA LYS B 121 -30.55 -4.81 14.45
C LYS B 121 -30.04 -3.97 13.27
N GLY B 122 -28.86 -3.38 13.42
CA GLY B 122 -28.28 -2.55 12.39
C GLY B 122 -28.42 -1.07 12.68
N THR B 123 -29.07 -0.76 13.80
CA THR B 123 -29.35 0.62 14.18
C THR B 123 -28.12 1.32 14.74
N ARG B 124 -27.73 2.43 14.12
CA ARG B 124 -26.66 3.28 14.66
C ARG B 124 -27.07 3.91 15.97
N PHE B 125 -26.11 4.13 16.87
CA PHE B 125 -26.38 4.78 18.14
C PHE B 125 -25.12 5.14 18.91
N SER B 126 -25.27 5.95 19.94
CA SER B 126 -24.13 6.57 20.60
C SER B 126 -24.32 6.56 22.11
N LYS B 127 -23.22 6.56 22.85
CA LYS B 127 -23.27 6.44 24.30
C LYS B 127 -22.02 6.97 24.97
N GLU B 128 -22.15 7.30 26.25
CA GLU B 128 -21.01 7.80 27.03
C GLU B 128 -20.12 6.64 27.41
N GLY B 129 -18.81 6.82 27.21
CA GLY B 129 -17.86 5.77 27.47
C GLY B 129 -17.03 6.03 28.71
N LYS B 130 -17.07 5.09 29.64
CA LYS B 130 -16.33 5.21 30.90
C LYS B 130 -15.13 4.29 30.95
N ILE B 131 -13.98 4.82 31.38
CA ILE B 131 -12.76 4.03 31.54
C ILE B 131 -12.88 2.96 32.62
N VAL B 132 -12.53 1.73 32.27
CA VAL B 132 -12.56 0.61 33.20
C VAL B 132 -11.16 0.26 33.68
N GLY B 133 -10.21 0.23 32.76
CA GLY B 133 -8.83 -0.12 33.07
C GLY B 133 -7.89 0.40 32.01
N LEU B 134 -6.62 0.56 32.36
CA LEU B 134 -5.63 1.04 31.42
C LEU B 134 -4.36 0.19 31.45
N ASP B 135 -3.75 0.00 30.29
CA ASP B 135 -2.43 -0.63 30.24
C ASP B 135 -1.53 0.07 29.22
N PRO B 136 -0.98 1.22 29.61
CA PRO B 136 -0.13 2.03 28.71
C PRO B 136 1.14 1.28 28.27
N ASP B 137 1.60 0.32 29.07
CA ASP B 137 2.75 -0.50 28.70
C ASP B 137 2.54 -1.25 27.38
N ASN B 138 1.38 -1.89 27.25
CA ASN B 138 1.01 -2.58 26.01
C ASN B 138 0.10 -1.74 25.09
N ASP B 139 -0.01 -0.45 25.37
CA ASP B 139 -0.91 0.45 24.62
C ASP B 139 -2.37 -0.04 24.55
N LEU B 140 -2.91 -0.48 25.69
CA LEU B 140 -4.27 -0.98 25.73
C LEU B 140 -5.17 -0.22 26.69
N ALA B 141 -6.45 -0.16 26.38
CA ALA B 141 -7.44 0.41 27.30
C ALA B 141 -8.79 -0.29 27.13
N VAL B 142 -9.57 -0.33 28.20
CA VAL B 142 -10.91 -0.91 28.11
C VAL B 142 -11.91 0.14 28.55
N LEU B 143 -13.00 0.27 27.79
CA LEU B 143 -14.06 1.19 28.12
C LEU B 143 -15.35 0.42 28.35
N LYS B 144 -16.30 1.06 29.00
CA LYS B 144 -17.57 0.44 29.28
C LYS B 144 -18.63 1.43 28.89
N ILE B 145 -19.65 0.93 28.18
CA ILE B 145 -20.84 1.72 27.89
C ILE B 145 -22.05 0.99 28.45
N GLU B 146 -23.16 1.69 28.62
CA GLU B 146 -24.40 1.06 29.05
C GLU B 146 -25.23 0.65 27.83
N THR B 147 -25.48 -0.65 27.68
CA THR B 147 -26.20 -1.15 26.52
C THR B 147 -27.70 -0.85 26.64
N GLU B 148 -28.20 -0.94 27.86
CA GLU B 148 -29.63 -0.79 28.14
C GLU B 148 -30.50 -1.56 27.14
N GLY B 149 -30.35 -2.88 27.14
CA GLY B 149 -31.18 -3.74 26.32
C GLY B 149 -30.78 -3.84 24.86
N ARG B 150 -29.78 -3.04 24.47
CA ARG B 150 -29.20 -3.14 23.14
C ARG B 150 -28.39 -4.43 23.07
N GLU B 151 -28.50 -5.16 21.96
CA GLU B 151 -27.60 -6.28 21.74
C GLU B 151 -26.43 -5.88 20.84
N LEU B 152 -25.22 -6.05 21.36
CA LEU B 152 -24.01 -5.71 20.64
C LEU B 152 -23.47 -6.88 19.82
N ASN B 153 -22.45 -6.59 19.02
CA ASN B 153 -21.80 -7.60 18.19
C ASN B 153 -20.33 -7.70 18.55
N PRO B 154 -20.00 -8.60 19.47
CA PRO B 154 -18.61 -8.78 19.92
C PRO B 154 -17.75 -9.40 18.82
N VAL B 155 -16.46 -9.07 18.84
CA VAL B 155 -15.51 -9.70 17.93
C VAL B 155 -15.41 -11.18 18.22
N VAL B 156 -14.81 -11.92 17.30
CA VAL B 156 -14.49 -13.32 17.50
C VAL B 156 -12.97 -13.35 17.64
N LEU B 157 -12.51 -13.71 18.83
CA LEU B 157 -11.08 -13.70 19.14
C LEU B 157 -10.38 -14.87 18.49
N GLY B 158 -9.26 -14.58 17.83
CA GLY B 158 -8.37 -15.59 17.32
C GLY B 158 -7.10 -15.69 18.16
N THR B 159 -6.03 -16.21 17.56
CA THR B 159 -4.77 -16.37 18.26
C THR B 159 -3.66 -15.72 17.44
N SER B 160 -2.56 -15.37 18.08
CA SER B 160 -1.50 -14.69 17.37
C SER B 160 -0.14 -15.40 17.43
N ASN B 161 -0.05 -16.46 18.22
CA ASN B 161 1.21 -17.21 18.31
C ASN B 161 1.44 -18.18 17.12
N ASP B 162 0.39 -18.45 16.35
CA ASP B 162 0.50 -19.33 15.20
C ASP B 162 0.39 -18.60 13.85
N LEU B 163 0.52 -17.28 13.86
CA LEU B 163 0.54 -16.51 12.61
C LEU B 163 1.77 -16.86 11.79
N ARG B 164 1.65 -16.72 10.47
CA ARG B 164 2.79 -16.93 9.57
C ARG B 164 2.96 -15.73 8.65
N VAL B 165 4.19 -15.27 8.50
CA VAL B 165 4.48 -14.18 7.59
C VAL B 165 4.02 -14.59 6.21
N GLY B 166 3.16 -13.76 5.60
CA GLY B 166 2.61 -14.08 4.30
C GLY B 166 1.10 -14.25 4.27
N GLN B 167 0.48 -14.49 5.43
CA GLN B 167 -0.96 -14.66 5.41
C GLN B 167 -1.68 -13.32 5.36
N SER B 168 -2.95 -13.36 4.98
CA SER B 168 -3.72 -12.14 4.80
C SER B 168 -4.13 -11.54 6.12
N CYS B 169 -4.21 -10.21 6.16
CA CYS B 169 -4.77 -9.54 7.31
C CYS B 169 -5.63 -8.37 6.86
N PHE B 170 -6.62 -8.03 7.69
CA PHE B 170 -7.63 -7.04 7.35
C PHE B 170 -7.75 -6.04 8.48
N ALA B 171 -7.49 -4.78 8.21
CA ALA B 171 -7.62 -3.77 9.25
C ALA B 171 -8.87 -2.92 9.04
N ILE B 172 -9.71 -2.89 10.07
CA ILE B 172 -10.98 -2.16 10.02
C ILE B 172 -11.02 -1.00 11.03
N GLY B 173 -11.48 0.16 10.58
CA GLY B 173 -11.60 1.31 11.44
C GLY B 173 -12.86 2.11 11.16
N ASN B 174 -13.03 3.19 11.93
CA ASN B 174 -14.12 4.11 11.72
C ASN B 174 -13.50 5.48 11.76
N PRO B 175 -13.15 6.02 10.58
CA PRO B 175 -12.25 7.16 10.41
C PRO B 175 -12.86 8.57 10.63
N TYR B 176 -14.13 8.76 10.29
CA TYR B 176 -14.74 10.09 10.45
C TYR B 176 -16.12 10.08 11.09
N GLY B 177 -16.46 9.00 11.79
CA GLY B 177 -17.72 8.93 12.51
C GLY B 177 -18.88 8.37 11.69
N TYR B 178 -18.67 8.25 10.38
CA TYR B 178 -19.71 7.76 9.46
C TYR B 178 -19.57 6.27 9.14
N GLU B 179 -18.93 5.94 8.03
CA GLU B 179 -18.79 4.54 7.66
C GLU B 179 -17.50 3.89 8.19
N ASN B 180 -17.50 2.56 8.28
CA ASN B 180 -16.28 1.84 8.60
C ASN B 180 -15.42 1.71 7.35
N THR B 181 -14.12 1.52 7.54
CA THR B 181 -13.20 1.39 6.43
C THR B 181 -12.40 0.11 6.52
N LEU B 182 -12.04 -0.41 5.36
CA LEU B 182 -11.34 -1.67 5.24
C LEU B 182 -10.01 -1.46 4.52
N THR B 183 -8.91 -1.96 5.10
CA THR B 183 -7.65 -2.04 4.36
C THR B 183 -7.08 -3.46 4.43
N ILE B 184 -6.49 -3.89 3.33
CA ILE B 184 -6.04 -5.26 3.23
C ILE B 184 -4.56 -5.33 2.96
N GLY B 185 -3.90 -6.28 3.63
CA GLY B 185 -2.48 -6.49 3.43
C GLY B 185 -2.06 -7.90 3.78
N VAL B 186 -0.76 -8.10 3.98
CA VAL B 186 -0.29 -9.35 4.56
C VAL B 186 0.39 -9.13 5.92
N VAL B 187 0.52 -10.22 6.67
CA VAL B 187 1.40 -10.21 7.82
C VAL B 187 2.83 -10.13 7.28
N SER B 188 3.50 -9.01 7.55
CA SER B 188 4.84 -8.74 7.05
C SER B 188 5.95 -9.20 7.98
N GLY B 189 5.65 -9.27 9.27
CA GLY B 189 6.66 -9.58 10.26
C GLY B 189 6.02 -9.97 11.58
N LEU B 190 6.66 -10.90 12.27
CA LEU B 190 6.23 -11.29 13.60
C LEU B 190 7.36 -10.90 14.56
N GLY B 191 7.11 -9.87 15.36
CA GLY B 191 8.17 -9.23 16.13
C GLY B 191 8.75 -10.14 17.18
N ARG B 192 9.82 -9.68 17.84
CA ARG B 192 10.47 -10.47 18.89
C ARG B 192 9.82 -10.21 20.26
N GLU B 193 10.14 -11.06 21.23
CA GLU B 193 9.60 -10.88 22.58
C GLU B 193 10.28 -9.72 23.32
N ILE B 194 9.48 -8.80 23.84
CA ILE B 194 9.96 -7.70 24.66
C ILE B 194 9.37 -7.80 26.07
N PRO B 195 10.17 -8.29 27.03
CA PRO B 195 9.74 -8.51 28.42
C PRO B 195 9.12 -7.27 29.07
N SER B 196 9.78 -6.12 28.94
CA SER B 196 9.27 -4.88 29.51
C SER B 196 9.11 -3.81 28.43
N PRO B 197 7.98 -3.87 27.68
CA PRO B 197 7.70 -3.03 26.51
C PRO B 197 7.88 -1.54 26.78
N ASN B 198 7.35 -1.06 27.91
CA ASN B 198 7.42 0.34 28.30
C ASN B 198 7.16 1.37 27.21
N GLY B 199 5.90 1.72 27.03
CA GLY B 199 5.51 2.81 26.15
C GLY B 199 5.55 2.50 24.68
N LYS B 200 6.65 2.85 24.03
CA LYS B 200 6.73 2.81 22.57
C LYS B 200 7.46 1.58 22.02
N SER B 201 7.01 0.40 22.45
CA SER B 201 7.59 -0.85 22.01
C SER B 201 6.62 -2.00 22.26
N ILE B 202 6.29 -2.73 21.19
CA ILE B 202 5.36 -3.84 21.28
C ILE B 202 6.11 -5.15 21.31
N SER B 203 5.84 -5.96 22.32
CA SER B 203 6.34 -7.32 22.34
C SER B 203 5.54 -8.22 21.41
N GLU B 204 6.25 -8.94 20.54
CA GLU B 204 5.59 -9.85 19.60
C GLU B 204 4.70 -9.07 18.66
N ALA B 205 5.12 -7.86 18.31
CA ALA B 205 4.34 -7.01 17.41
C ALA B 205 4.11 -7.69 16.07
N ILE B 206 2.88 -7.58 15.61
CA ILE B 206 2.54 -7.98 14.25
C ILE B 206 2.75 -6.82 13.31
N GLN B 207 3.66 -6.99 12.37
CA GLN B 207 3.89 -5.98 11.36
C GLN B 207 3.09 -6.31 10.11
N THR B 208 2.45 -5.32 9.51
CA THR B 208 1.64 -5.55 8.33
C THR B 208 1.87 -4.49 7.29
N ASP B 209 1.56 -4.80 6.03
CA ASP B 209 1.54 -3.74 5.03
C ASP B 209 0.13 -3.26 4.63
N ALA B 210 -0.89 -3.68 5.38
CA ALA B 210 -2.20 -3.05 5.32
C ALA B 210 -2.05 -1.63 5.85
N ASP B 211 -2.51 -0.63 5.08
CA ASP B 211 -2.38 0.76 5.49
C ASP B 211 -3.05 1.02 6.83
N ILE B 212 -2.27 1.53 7.79
CA ILE B 212 -2.77 1.81 9.14
C ILE B 212 -2.45 3.23 9.61
N ASN B 213 -3.50 3.96 9.94
CA ASN B 213 -3.39 5.36 10.28
C ASN B 213 -4.29 5.70 11.46
N SER B 214 -4.38 7.00 11.76
CA SER B 214 -5.30 7.50 12.77
C SER B 214 -6.73 6.97 12.58
N GLY B 215 -7.21 7.03 11.34
CA GLY B 215 -8.56 6.60 11.00
C GLY B 215 -8.95 5.18 11.42
N ASN B 216 -7.96 4.36 11.80
CA ASN B 216 -8.27 3.00 12.22
C ASN B 216 -7.43 2.42 13.35
N ALA B 217 -6.60 3.25 13.98
CA ALA B 217 -5.95 2.86 15.23
C ALA B 217 -6.96 2.42 16.28
N GLY B 218 -6.63 1.40 17.06
CA GLY B 218 -7.48 0.94 18.13
C GLY B 218 -8.52 -0.06 17.64
N GLY B 219 -8.73 -0.09 16.34
CA GLY B 219 -9.62 -1.09 15.76
C GLY B 219 -8.93 -2.42 15.56
N PRO B 220 -9.70 -3.44 15.14
CA PRO B 220 -9.15 -4.80 15.05
C PRO B 220 -8.40 -5.10 13.75
N LEU B 221 -7.36 -5.91 13.89
CA LEU B 221 -6.72 -6.53 12.74
C LEU B 221 -7.30 -7.94 12.62
N LEU B 222 -7.79 -8.31 11.44
CA LEU B 222 -8.37 -9.65 11.29
C LEU B 222 -7.61 -10.55 10.35
N ASP B 223 -7.80 -11.85 10.54
CA ASP B 223 -7.28 -12.83 9.59
C ASP B 223 -8.41 -13.25 8.64
N SER B 224 -8.10 -14.16 7.73
CA SER B 224 -9.02 -14.45 6.64
C SER B 224 -10.31 -15.17 7.08
N TYR B 225 -10.33 -15.68 8.30
CA TYR B 225 -11.55 -16.31 8.83
C TYR B 225 -12.46 -15.30 9.52
N GLY B 226 -12.02 -14.04 9.59
CA GLY B 226 -12.78 -13.03 10.30
C GLY B 226 -12.51 -12.98 11.79
N HIS B 227 -11.46 -13.69 12.23
CA HIS B 227 -11.07 -13.66 13.64
C HIS B 227 -10.09 -12.54 13.92
N THR B 228 -10.23 -11.94 15.09
CA THR B 228 -9.35 -10.87 15.52
C THR B 228 -8.03 -11.42 16.04
N ILE B 229 -6.93 -10.97 15.44
CA ILE B 229 -5.59 -11.46 15.74
C ILE B 229 -4.71 -10.34 16.24
N GLY B 230 -5.24 -9.13 16.26
CA GLY B 230 -4.48 -8.03 16.80
C GLY B 230 -5.26 -6.73 16.94
N VAL B 231 -4.61 -5.73 17.51
CA VAL B 231 -5.18 -4.41 17.64
C VAL B 231 -4.29 -3.40 16.92
N ASN B 232 -4.85 -2.72 15.92
CA ASN B 232 -4.11 -1.68 15.20
C ASN B 232 -3.62 -0.57 16.15
N THR B 233 -2.34 -0.24 16.07
CA THR B 233 -1.84 0.95 16.75
C THR B 233 -1.27 1.92 15.73
N ALA B 234 -1.07 3.16 16.13
CA ALA B 234 -0.46 4.12 15.24
C ALA B 234 0.57 5.00 15.94
N THR B 235 0.60 4.91 17.27
CA THR B 235 1.51 5.73 18.05
C THR B 235 2.96 5.52 17.61
N PHE B 236 3.28 4.32 17.12
CA PHE B 236 4.61 4.03 16.60
C PHE B 236 4.61 4.07 15.07
N VAL B 247 5.08 0.85 6.80
CA VAL B 247 5.38 0.05 8.00
C VAL B 247 4.42 0.29 9.16
N ASN B 248 3.55 -0.69 9.39
CA ASN B 248 2.49 -0.57 10.38
C ASN B 248 2.50 -1.75 11.34
N PHE B 249 2.05 -1.52 12.57
CA PHE B 249 2.11 -2.53 13.62
C PHE B 249 0.79 -2.74 14.35
N ALA B 250 0.51 -3.99 14.72
CA ALA B 250 -0.62 -4.29 15.62
C ALA B 250 -0.14 -5.01 16.87
N ILE B 251 -0.83 -4.76 17.98
CA ILE B 251 -0.60 -5.51 19.21
C ILE B 251 -1.30 -6.86 19.11
N PRO B 252 -0.56 -7.93 19.41
CA PRO B 252 -1.05 -9.28 19.14
C PRO B 252 -2.22 -9.63 20.04
N ILE B 253 -3.26 -10.26 19.49
CA ILE B 253 -4.45 -10.53 20.27
C ILE B 253 -4.15 -11.38 21.52
N ASP B 254 -3.10 -12.19 21.46
CA ASP B 254 -2.72 -12.99 22.62
C ASP B 254 -2.36 -12.14 23.83
N THR B 255 -1.73 -10.99 23.61
CA THR B 255 -1.39 -10.10 24.71
C THR B 255 -2.66 -9.51 25.30
N VAL B 256 -3.62 -9.26 24.42
CA VAL B 256 -4.91 -8.70 24.80
C VAL B 256 -5.77 -9.73 25.56
N VAL B 257 -5.67 -10.99 25.16
CA VAL B 257 -6.47 -12.03 25.79
C VAL B 257 -6.02 -12.27 27.23
N ARG B 258 -4.72 -12.11 27.50
CA ARG B 258 -4.18 -12.28 28.85
C ARG B 258 -4.43 -11.04 29.72
N THR B 259 -4.56 -9.88 29.10
CA THR B 259 -4.56 -8.62 29.83
C THR B 259 -5.93 -8.04 30.11
N VAL B 260 -6.85 -8.15 29.15
CA VAL B 260 -8.17 -7.53 29.27
C VAL B 260 -9.02 -8.04 30.44
N PRO B 261 -9.01 -9.35 30.70
CA PRO B 261 -9.75 -9.86 31.87
C PRO B 261 -9.30 -9.22 33.19
N TYR B 262 -8.02 -8.83 33.27
CA TYR B 262 -7.52 -8.17 34.48
C TYR B 262 -7.90 -6.69 34.54
N LEU B 263 -7.97 -6.04 33.38
CA LEU B 263 -8.39 -4.64 33.35
C LEU B 263 -9.85 -4.50 33.77
N ILE B 264 -10.67 -5.46 33.36
CA ILE B 264 -12.07 -5.44 33.69
C ILE B 264 -12.29 -5.70 35.18
N VAL B 265 -11.62 -6.73 35.70
CA VAL B 265 -11.88 -7.21 37.04
C VAL B 265 -11.13 -6.42 38.13
N TYR B 266 -9.88 -6.04 37.87
CA TYR B 266 -9.07 -5.32 38.86
C TYR B 266 -8.82 -3.86 38.51
N GLY B 267 -8.95 -3.50 37.23
CA GLY B 267 -8.69 -2.13 36.81
C GLY B 267 -7.24 -1.82 36.47
N THR B 268 -6.37 -2.84 36.47
CA THR B 268 -4.98 -2.73 35.98
C THR B 268 -4.46 -4.11 35.59
N ALA B 269 -3.41 -4.16 34.76
CA ALA B 269 -2.81 -5.43 34.38
C ALA B 269 -2.36 -6.20 35.62
N GLU C 33 -2.30 -26.38 4.67
CA GLU C 33 -2.82 -25.46 5.68
C GLU C 33 -4.30 -25.12 5.49
N GLU C 34 -4.89 -24.60 6.56
CA GLU C 34 -6.24 -24.06 6.55
C GLU C 34 -6.19 -22.63 6.03
N LEU C 35 -5.04 -22.24 5.48
CA LEU C 35 -4.91 -20.96 4.82
C LEU C 35 -5.45 -21.04 3.40
N GLU C 36 -5.87 -19.91 2.83
CA GLU C 36 -6.26 -19.87 1.43
C GLU C 36 -5.08 -20.23 0.51
N GLU C 37 -5.38 -20.66 -0.72
CA GLU C 37 -4.31 -20.99 -1.68
C GLU C 37 -3.27 -19.90 -1.79
N GLU C 38 -3.74 -18.66 -1.92
CA GLU C 38 -2.84 -17.51 -2.08
C GLU C 38 -1.99 -17.27 -0.84
N GLU C 39 -2.61 -17.34 0.33
CA GLU C 39 -1.84 -17.28 1.57
C GLU C 39 -0.76 -18.38 1.60
N GLU C 40 -1.12 -19.59 1.14
CA GLU C 40 -0.18 -20.71 1.15
C GLU C 40 1.02 -20.45 0.28
N ARG C 41 0.79 -19.93 -0.92
CA ARG C 41 1.90 -19.62 -1.79
CA ARG C 41 1.90 -19.62 -1.79
C ARG C 41 2.78 -18.56 -1.14
N ASN C 42 2.15 -17.52 -0.58
CA ASN C 42 2.91 -16.45 0.06
C ASN C 42 3.79 -16.97 1.18
N VAL C 43 3.18 -17.74 2.07
CA VAL C 43 3.85 -18.31 3.21
C VAL C 43 5.04 -19.19 2.79
N ASN C 44 4.83 -20.01 1.76
CA ASN C 44 5.89 -20.90 1.31
C ASN C 44 7.02 -20.14 0.64
N LEU C 45 6.65 -19.17 -0.19
CA LEU C 45 7.60 -18.36 -0.92
C LEU C 45 8.56 -17.71 0.07
N PHE C 46 8.02 -17.18 1.16
CA PHE C 46 8.81 -16.54 2.19
C PHE C 46 9.73 -17.54 2.91
N GLN C 47 9.18 -18.69 3.27
CA GLN C 47 9.98 -19.68 3.96
C GLN C 47 11.16 -20.12 3.09
N LYS C 48 10.96 -20.21 1.78
CA LYS C 48 12.03 -20.71 0.95
C LYS C 48 13.00 -19.63 0.44
N THR C 49 12.64 -18.35 0.58
CA THR C 49 13.52 -17.29 0.07
C THR C 49 14.16 -16.40 1.12
N SER C 50 13.55 -16.25 2.30
CA SER C 50 14.10 -15.35 3.31
C SER C 50 15.48 -15.76 3.85
N PRO C 51 15.80 -17.07 3.82
CA PRO C 51 17.16 -17.49 4.20
C PRO C 51 18.24 -16.99 3.25
N SER C 52 17.86 -16.37 2.15
CA SER C 52 18.85 -15.81 1.23
C SER C 52 19.06 -14.32 1.50
N VAL C 53 18.31 -13.78 2.45
CA VAL C 53 18.36 -12.35 2.68
C VAL C 53 19.27 -12.02 3.83
N VAL C 54 20.11 -11.02 3.65
CA VAL C 54 21.09 -10.67 4.67
C VAL C 54 20.87 -9.26 5.16
N TYR C 55 21.41 -8.99 6.35
CA TYR C 55 21.30 -7.70 6.98
C TYR C 55 22.69 -7.07 7.08
N ILE C 56 22.78 -5.80 6.68
CA ILE C 56 24.07 -5.16 6.52
C ILE C 56 24.13 -3.88 7.33
N GLU C 57 25.09 -3.83 8.25
CA GLU C 57 25.28 -2.66 9.11
C GLU C 57 26.57 -1.94 8.81
N ALA C 58 26.45 -0.68 8.43
CA ALA C 58 27.60 0.19 8.24
C ALA C 58 27.96 0.86 9.57
N ILE C 59 28.93 0.29 10.26
CA ILE C 59 29.38 0.79 11.55
C ILE C 59 30.55 1.74 11.40
N GLU C 60 30.56 2.79 12.22
CA GLU C 60 31.76 3.63 12.34
C GLU C 60 32.42 3.43 13.71
N LEU C 61 33.73 3.24 13.70
CA LEU C 61 34.47 2.99 14.94
C LEU C 61 34.99 4.29 15.55
N GLY C 80 23.58 4.08 8.95
CA GLY C 80 23.44 3.42 7.66
C GLY C 80 23.27 1.91 7.73
N THR C 81 22.03 1.46 7.60
CA THR C 81 21.76 0.01 7.54
C THR C 81 20.97 -0.35 6.29
N GLY C 82 21.08 -1.60 5.87
CA GLY C 82 20.43 -2.05 4.66
C GLY C 82 20.27 -3.54 4.58
N SER C 83 19.77 -4.02 3.44
CA SER C 83 19.64 -5.46 3.18
C SER C 83 20.52 -5.85 2.00
N GLY C 84 20.60 -7.15 1.77
CA GLY C 84 21.28 -7.67 0.59
C GLY C 84 20.89 -9.12 0.45
N PHE C 85 21.44 -9.80 -0.53
CA PHE C 85 21.15 -11.22 -0.66
C PHE C 85 22.36 -12.03 -1.11
N VAL C 86 22.27 -13.32 -0.87
CA VAL C 86 23.34 -14.22 -1.19
C VAL C 86 23.34 -14.55 -2.68
N TRP C 87 24.46 -14.25 -3.30
CA TRP C 87 24.63 -14.46 -4.72
C TRP C 87 25.10 -15.88 -4.96
N ASP C 88 26.08 -16.34 -4.19
CA ASP C 88 26.59 -17.69 -4.36
C ASP C 88 27.12 -18.32 -3.07
N LYS C 89 27.48 -19.60 -3.16
CA LYS C 89 28.03 -20.33 -2.00
C LYS C 89 29.41 -19.85 -1.56
N LEU C 90 30.16 -19.21 -2.45
CA LEU C 90 31.48 -18.71 -2.09
C LEU C 90 31.41 -17.59 -1.04
N GLY C 91 30.26 -16.93 -0.93
CA GLY C 91 30.11 -15.87 0.04
C GLY C 91 30.03 -14.50 -0.59
N HIS C 92 29.64 -14.43 -1.85
CA HIS C 92 29.35 -13.15 -2.46
C HIS C 92 27.95 -12.64 -2.11
N ILE C 93 27.88 -11.37 -1.72
CA ILE C 93 26.62 -10.74 -1.36
C ILE C 93 26.36 -9.57 -2.31
N VAL C 94 25.14 -9.50 -2.87
CA VAL C 94 24.74 -8.33 -3.64
C VAL C 94 23.90 -7.38 -2.77
N THR C 95 24.12 -6.08 -2.92
CA THR C 95 23.32 -5.07 -2.24
C THR C 95 23.27 -3.80 -3.07
N ASN C 96 22.76 -2.72 -2.49
CA ASN C 96 22.81 -1.41 -3.14
C ASN C 96 24.15 -0.76 -2.85
N TYR C 97 24.61 0.08 -3.78
CA TYR C 97 25.75 0.94 -3.52
C TYR C 97 25.46 1.97 -2.43
N HIS C 98 24.29 2.58 -2.46
N HIS C 98 24.27 2.56 -2.44
CA HIS C 98 23.92 3.56 -1.46
CA HIS C 98 23.94 3.58 -1.45
C HIS C 98 24.06 2.96 -0.05
C HIS C 98 23.77 3.01 -0.03
N VAL C 99 23.72 1.69 0.08
CA VAL C 99 23.75 1.03 1.38
C VAL C 99 25.17 1.00 1.97
N ILE C 100 26.18 0.82 1.11
CA ILE C 100 27.57 0.80 1.57
C ILE C 100 28.35 2.02 1.09
N ALA C 101 27.67 3.14 0.92
CA ALA C 101 28.26 4.32 0.31
C ALA C 101 29.41 4.91 1.11
N LYS C 102 29.23 5.05 2.42
CA LYS C 102 30.27 5.60 3.29
C LYS C 102 31.52 4.71 3.34
N LEU C 103 31.31 3.42 3.57
CA LEU C 103 32.40 2.45 3.61
C LEU C 103 33.27 2.45 2.35
N ALA C 104 32.62 2.71 1.21
CA ALA C 104 33.30 2.65 -0.08
C ALA C 104 34.00 3.96 -0.44
N THR C 105 33.48 5.07 0.08
CA THR C 105 34.00 6.37 -0.28
C THR C 105 34.80 7.00 0.87
N ASP C 106 34.13 7.27 1.99
CA ASP C 106 34.77 7.86 3.15
C ASP C 106 35.95 7.00 3.59
N GLN C 107 35.70 5.70 3.72
CA GLN C 107 36.70 4.77 4.23
C GLN C 107 37.33 5.35 5.49
N PHE C 108 38.34 6.19 5.31
CA PHE C 108 39.01 6.90 6.40
C PHE C 108 39.64 5.95 7.42
N GLY C 109 39.56 4.65 7.14
CA GLY C 109 40.12 3.64 8.00
C GLY C 109 39.13 3.01 8.97
N LEU C 110 38.25 3.82 9.54
CA LEU C 110 37.35 3.36 10.60
C LEU C 110 36.15 2.53 10.12
N GLN C 111 35.50 2.96 9.04
CA GLN C 111 34.32 2.28 8.49
C GLN C 111 34.52 0.77 8.36
N ARG C 112 33.58 0.01 8.92
CA ARG C 112 33.60 -1.45 8.81
C ARG C 112 32.29 -1.95 8.21
N CYS C 113 32.12 -3.27 8.14
CA CYS C 113 30.93 -3.82 7.52
C CYS C 113 30.51 -5.18 8.08
N LYS C 114 29.47 -5.20 8.90
CA LYS C 114 29.01 -6.47 9.46
C LYS C 114 27.80 -7.01 8.70
N VAL C 115 27.86 -8.29 8.38
CA VAL C 115 26.80 -8.95 7.63
C VAL C 115 26.21 -10.06 8.49
N SER C 116 24.90 -10.06 8.66
CA SER C 116 24.24 -11.10 9.43
C SER C 116 23.34 -11.91 8.52
N LEU C 117 23.34 -13.22 8.72
CA LEU C 117 22.54 -14.08 7.88
C LEU C 117 22.35 -15.44 8.51
N VAL C 118 21.89 -16.39 7.70
CA VAL C 118 21.50 -17.70 8.17
C VAL C 118 22.09 -18.70 7.21
N ASP C 119 22.61 -19.80 7.72
CA ASP C 119 23.17 -20.83 6.84
C ASP C 119 22.11 -21.87 6.54
N ALA C 120 22.51 -22.95 5.89
CA ALA C 120 21.55 -23.96 5.44
C ALA C 120 20.90 -24.74 6.59
N LYS C 121 21.55 -24.76 7.76
CA LYS C 121 21.02 -25.45 8.92
C LYS C 121 19.94 -24.64 9.65
N GLY C 122 19.91 -23.34 9.39
CA GLY C 122 18.96 -22.44 10.02
C GLY C 122 19.60 -21.56 11.08
N THR C 123 20.92 -21.69 11.24
CA THR C 123 21.63 -21.00 12.31
C THR C 123 22.02 -19.57 11.94
N ARG C 124 21.47 -18.60 12.66
CA ARG C 124 21.87 -17.20 12.52
C ARG C 124 23.36 -17.05 12.80
N PHE C 125 24.04 -16.27 11.98
CA PHE C 125 25.44 -15.95 12.24
C PHE C 125 25.87 -14.66 11.55
N SER C 126 27.12 -14.28 11.76
CA SER C 126 27.56 -12.96 11.35
C SER C 126 29.04 -12.97 10.93
N LYS C 127 29.39 -12.12 9.97
CA LYS C 127 30.76 -12.08 9.44
C LYS C 127 31.12 -10.69 8.95
N GLU C 128 32.42 -10.42 8.87
CA GLU C 128 32.90 -9.16 8.32
C GLU C 128 32.72 -9.20 6.82
N GLY C 129 32.26 -8.08 6.25
CA GLY C 129 32.02 -8.03 4.83
C GLY C 129 32.99 -7.13 4.10
N LYS C 130 33.65 -7.69 3.09
CA LYS C 130 34.65 -6.95 2.32
C LYS C 130 34.14 -6.57 0.92
N ILE C 131 34.40 -5.35 0.48
CA ILE C 131 34.00 -4.89 -0.85
C ILE C 131 34.80 -5.56 -1.98
N VAL C 132 34.08 -6.12 -2.94
CA VAL C 132 34.68 -6.80 -4.08
C VAL C 132 34.59 -5.96 -5.36
N GLY C 133 33.54 -5.15 -5.47
CA GLY C 133 33.31 -4.36 -6.67
C GLY C 133 32.18 -3.38 -6.48
N LEU C 134 32.24 -2.23 -7.16
CA LEU C 134 31.18 -1.24 -7.06
C LEU C 134 30.67 -0.81 -8.44
N ASP C 135 29.39 -0.49 -8.51
CA ASP C 135 28.81 0.10 -9.72
C ASP C 135 27.75 1.11 -9.34
N PRO C 136 28.18 2.34 -9.01
CA PRO C 136 27.28 3.41 -8.57
C PRO C 136 26.33 3.88 -9.68
N ASP C 137 26.69 3.67 -10.95
CA ASP C 137 25.82 3.99 -12.07
C ASP C 137 24.50 3.20 -12.04
N ASN C 138 24.58 1.93 -11.69
CA ASN C 138 23.39 1.11 -11.53
C ASN C 138 23.00 0.88 -10.07
N ASP C 139 23.64 1.61 -9.16
CA ASP C 139 23.41 1.42 -7.72
C ASP C 139 23.67 -0.02 -7.25
N LEU C 140 24.69 -0.67 -7.78
CA LEU C 140 25.01 -2.03 -7.36
C LEU C 140 26.33 -2.12 -6.61
N ALA C 141 26.43 -3.07 -5.70
CA ALA C 141 27.68 -3.37 -5.01
C ALA C 141 27.75 -4.85 -4.69
N VAL C 142 28.97 -5.40 -4.68
CA VAL C 142 29.15 -6.78 -4.28
C VAL C 142 30.07 -6.87 -3.08
N LEU C 143 29.69 -7.68 -2.10
CA LEU C 143 30.51 -7.90 -0.93
C LEU C 143 30.86 -9.36 -0.87
N LYS C 144 31.89 -9.68 -0.11
CA LYS C 144 32.35 -11.03 0.04
C LYS C 144 32.51 -11.27 1.52
N ILE C 145 31.97 -12.36 2.00
CA ILE C 145 32.22 -12.81 3.36
C ILE C 145 32.94 -14.14 3.24
N GLU C 146 33.62 -14.53 4.33
CA GLU C 146 34.27 -15.83 4.42
C GLU C 146 33.31 -16.84 5.04
N THR C 147 32.88 -17.81 4.24
CA THR C 147 31.88 -18.76 4.69
C THR C 147 32.43 -19.65 5.78
N GLU C 148 33.67 -20.08 5.59
CA GLU C 148 34.37 -20.92 6.57
C GLU C 148 33.54 -22.17 6.90
N GLY C 149 33.17 -22.91 5.85
CA GLY C 149 32.48 -24.17 6.01
C GLY C 149 30.98 -24.06 6.24
N ARG C 150 30.51 -22.84 6.51
CA ARG C 150 29.08 -22.61 6.58
C ARG C 150 28.51 -22.75 5.18
N GLU C 151 27.36 -23.41 5.05
CA GLU C 151 26.71 -23.50 3.74
C GLU C 151 25.58 -22.46 3.60
N LEU C 152 25.69 -21.64 2.56
CA LEU C 152 24.77 -20.54 2.31
C LEU C 152 23.57 -20.92 1.44
N ASN C 153 22.62 -19.98 1.34
CA ASN C 153 21.41 -20.15 0.54
C ASN C 153 21.29 -19.07 -0.51
N PRO C 154 21.83 -19.33 -1.71
CA PRO C 154 21.85 -18.38 -2.82
C PRO C 154 20.46 -18.19 -3.38
N VAL C 155 20.17 -16.99 -3.89
CA VAL C 155 18.90 -16.74 -4.56
C VAL C 155 18.83 -17.58 -5.82
N VAL C 156 17.62 -17.77 -6.32
CA VAL C 156 17.42 -18.35 -7.64
C VAL C 156 17.16 -17.19 -8.59
N LEU C 157 18.07 -16.95 -9.52
CA LEU C 157 17.91 -15.86 -10.48
C LEU C 157 16.82 -16.11 -11.49
N GLY C 158 16.03 -15.07 -11.73
CA GLY C 158 15.06 -15.06 -12.81
C GLY C 158 15.41 -14.05 -13.88
N THR C 159 14.41 -13.59 -14.60
CA THR C 159 14.64 -12.68 -15.73
C THR C 159 13.71 -11.48 -15.63
N SER C 160 14.11 -10.34 -16.16
CA SER C 160 13.31 -9.14 -16.02
C SER C 160 12.81 -8.56 -17.35
N ASN C 161 13.25 -9.14 -18.47
CA ASN C 161 12.83 -8.63 -19.78
C ASN C 161 11.45 -9.16 -20.26
N ASP C 162 10.93 -10.18 -19.58
CA ASP C 162 9.64 -10.75 -19.93
C ASP C 162 8.60 -10.52 -18.82
N LEU C 163 8.87 -9.56 -17.94
CA LEU C 163 7.89 -9.17 -16.95
C LEU C 163 6.67 -8.53 -17.62
N ARG C 164 5.53 -8.61 -16.96
CA ARG C 164 4.30 -7.99 -17.46
CA ARG C 164 4.31 -7.99 -17.46
C ARG C 164 3.66 -7.18 -16.34
N VAL C 165 3.30 -5.94 -16.65
CA VAL C 165 2.65 -5.09 -15.66
C VAL C 165 1.40 -5.80 -15.17
N GLY C 166 1.30 -6.01 -13.86
CA GLY C 166 0.16 -6.70 -13.28
C GLY C 166 0.49 -8.00 -12.56
N GLN C 167 1.68 -8.54 -12.78
CA GLN C 167 2.03 -9.75 -12.07
C GLN C 167 2.50 -9.43 -10.66
N SER C 168 2.42 -10.44 -9.79
CA SER C 168 2.76 -10.28 -8.38
C SER C 168 4.23 -10.08 -8.22
N CYS C 169 4.60 -9.26 -7.24
CA CYS C 169 5.99 -9.15 -6.83
C CYS C 169 6.08 -9.12 -5.29
N PHE C 170 7.22 -9.56 -4.79
CA PHE C 170 7.42 -9.78 -3.36
C PHE C 170 8.75 -9.18 -2.97
N ALA C 171 8.73 -8.21 -2.08
CA ALA C 171 9.96 -7.59 -1.61
C ALA C 171 10.32 -8.04 -0.20
N ILE C 172 11.52 -8.58 -0.04
CA ILE C 172 12.01 -9.06 1.25
C ILE C 172 13.24 -8.25 1.71
N GLY C 173 13.21 -7.84 2.96
CA GLY C 173 14.34 -7.15 3.59
C GLY C 173 14.57 -7.61 5.01
N ASN C 174 15.60 -7.08 5.65
CA ASN C 174 15.88 -7.33 7.07
C ASN C 174 16.03 -5.98 7.72
N PRO C 175 14.94 -5.49 8.33
CA PRO C 175 14.74 -4.08 8.73
C PRO C 175 15.48 -3.64 10.01
N TYR C 176 15.61 -4.51 11.00
CA TYR C 176 16.20 -4.10 12.27
C TYR C 176 17.22 -5.09 12.81
N GLY C 177 17.68 -6.00 11.96
CA GLY C 177 18.69 -6.98 12.37
C GLY C 177 18.13 -8.28 12.93
N TYR C 178 16.82 -8.31 13.16
CA TYR C 178 16.17 -9.46 13.76
C TYR C 178 15.49 -10.39 12.75
N GLU C 179 14.21 -10.17 12.49
CA GLU C 179 13.51 -11.01 11.51
C GLU C 179 13.48 -10.38 10.12
N ASN C 180 13.27 -11.20 9.10
CA ASN C 180 13.06 -10.68 7.74
C ASN C 180 11.62 -10.21 7.58
N THR C 181 11.39 -9.29 6.64
CA THR C 181 10.06 -8.78 6.43
C THR C 181 9.62 -8.92 4.99
N LEU C 182 8.33 -9.19 4.81
CA LEU C 182 7.74 -9.44 3.50
C LEU C 182 6.76 -8.33 3.15
N THR C 183 6.88 -7.76 1.96
CA THR C 183 5.81 -6.91 1.41
C THR C 183 5.38 -7.35 0.00
N ILE C 184 4.09 -7.22 -0.26
CA ILE C 184 3.55 -7.76 -1.48
C ILE C 184 2.83 -6.72 -2.31
N GLY C 185 3.08 -6.73 -3.61
CA GLY C 185 2.38 -5.83 -4.50
C GLY C 185 2.36 -6.36 -5.92
N VAL C 186 2.16 -5.46 -6.87
CA VAL C 186 2.30 -5.86 -8.27
C VAL C 186 3.36 -5.05 -9.01
N VAL C 187 3.77 -5.57 -10.16
CA VAL C 187 4.58 -4.77 -11.05
C VAL C 187 3.69 -3.68 -11.63
N SER C 188 4.02 -2.44 -11.28
CA SER C 188 3.23 -1.27 -11.66
C SER C 188 3.68 -0.70 -12.99
N GLY C 189 4.95 -0.88 -13.32
CA GLY C 189 5.52 -0.28 -14.51
C GLY C 189 6.87 -0.88 -14.88
N LEU C 190 7.17 -0.85 -16.18
CA LEU C 190 8.45 -1.30 -16.66
C LEU C 190 9.10 -0.13 -17.37
N GLY C 191 10.17 0.39 -16.77
CA GLY C 191 10.77 1.65 -17.20
C GLY C 191 11.29 1.56 -18.61
N ARG C 192 11.74 2.70 -19.14
CA ARG C 192 12.32 2.72 -20.48
C ARG C 192 13.84 2.57 -20.39
N GLU C 193 14.48 2.25 -21.51
CA GLU C 193 15.93 2.07 -21.55
C GLU C 193 16.67 3.41 -21.39
N ILE C 194 17.54 3.48 -20.39
CA ILE C 194 18.38 4.66 -20.16
C ILE C 194 19.85 4.32 -20.38
N PRO C 195 20.43 4.77 -21.52
CA PRO C 195 21.81 4.47 -21.91
C PRO C 195 22.85 4.75 -20.82
N SER C 196 22.90 5.97 -20.31
CA SER C 196 23.84 6.32 -19.24
C SER C 196 23.08 6.71 -17.97
N PRO C 197 22.66 5.70 -17.18
CA PRO C 197 21.83 5.86 -15.98
C PRO C 197 22.30 6.98 -15.06
N ASN C 198 23.60 7.00 -14.78
CA ASN C 198 24.21 8.01 -13.92
C ASN C 198 23.49 8.26 -12.60
N GLY C 199 23.80 7.42 -11.62
CA GLY C 199 23.40 7.65 -10.25
C GLY C 199 21.91 7.58 -9.94
N LYS C 200 21.17 8.60 -10.32
CA LYS C 200 19.78 8.73 -9.86
C LYS C 200 18.74 8.37 -10.93
N SER C 201 19.05 7.35 -11.71
CA SER C 201 18.16 6.94 -12.78
C SER C 201 18.41 5.48 -13.16
N ILE C 202 17.38 4.66 -13.03
CA ILE C 202 17.49 3.25 -13.36
C ILE C 202 17.02 3.00 -14.79
N SER C 203 17.89 2.43 -15.60
CA SER C 203 17.45 1.97 -16.90
C SER C 203 16.60 0.71 -16.73
N GLU C 204 15.45 0.67 -17.42
CA GLU C 204 14.57 -0.48 -17.34
C GLU C 204 14.06 -0.75 -15.91
N ALA C 205 13.91 0.31 -15.11
CA ALA C 205 13.48 0.16 -13.73
C ALA C 205 12.15 -0.54 -13.61
N ILE C 206 12.07 -1.45 -12.64
CA ILE C 206 10.80 -2.07 -12.29
C ILE C 206 10.12 -1.21 -11.25
N GLN C 207 8.92 -0.74 -11.56
CA GLN C 207 8.12 0.00 -10.61
C GLN C 207 7.12 -0.95 -9.96
N THR C 208 6.91 -0.80 -8.66
CA THR C 208 6.06 -1.71 -7.93
C THR C 208 5.27 -0.95 -6.90
N ASP C 209 4.14 -1.49 -6.47
CA ASP C 209 3.45 -0.90 -5.34
C ASP C 209 3.59 -1.68 -4.02
N ALA C 210 4.48 -2.68 -3.99
CA ALA C 210 4.93 -3.30 -2.75
C ALA C 210 5.72 -2.25 -1.97
N ASP C 211 5.35 -2.02 -0.71
CA ASP C 211 6.00 -0.98 0.09
C ASP C 211 7.51 -1.21 0.20
N ILE C 212 8.29 -0.24 -0.27
CA ILE C 212 9.75 -0.34 -0.25
C ILE C 212 10.41 0.86 0.43
N ASN C 213 11.11 0.56 1.51
CA ASN C 213 11.71 1.58 2.34
C ASN C 213 13.16 1.22 2.68
N SER C 214 13.77 1.95 3.61
CA SER C 214 15.12 1.67 4.07
C SER C 214 15.26 0.23 4.62
N GLY C 215 14.22 -0.24 5.28
CA GLY C 215 14.17 -1.57 5.86
C GLY C 215 14.39 -2.75 4.91
N ASN C 216 14.27 -2.51 3.60
CA ASN C 216 14.47 -3.59 2.65
C ASN C 216 15.13 -3.21 1.32
N ALA C 217 15.57 -1.96 1.21
CA ALA C 217 16.50 -1.58 0.13
C ALA C 217 17.69 -2.53 0.10
N GLY C 218 18.10 -2.95 -1.09
CA GLY C 218 19.23 -3.84 -1.27
C GLY C 218 18.80 -5.29 -1.30
N GLY C 219 17.62 -5.59 -0.77
CA GLY C 219 17.13 -6.94 -0.80
C GLY C 219 16.45 -7.29 -2.11
N PRO C 220 16.12 -8.57 -2.29
CA PRO C 220 15.57 -9.04 -3.56
C PRO C 220 14.09 -8.71 -3.78
N LEU C 221 13.75 -8.45 -5.04
CA LEU C 221 12.36 -8.39 -5.45
C LEU C 221 12.10 -9.73 -6.12
N LEU C 222 11.08 -10.45 -5.66
CA LEU C 222 10.81 -11.77 -6.23
C LEU C 222 9.49 -11.86 -6.99
N ASP C 223 9.41 -12.83 -7.88
CA ASP C 223 8.13 -13.12 -8.54
C ASP C 223 7.44 -14.31 -7.88
N SER C 224 6.30 -14.70 -8.42
CA SER C 224 5.45 -15.67 -7.73
C SER C 224 6.05 -17.08 -7.73
N TYR C 225 7.10 -17.31 -8.51
CA TYR C 225 7.81 -18.59 -8.46
C TYR C 225 8.96 -18.61 -7.44
N GLY C 226 9.17 -17.50 -6.75
CA GLY C 226 10.28 -17.40 -5.82
C GLY C 226 11.59 -17.02 -6.47
N HIS C 227 11.53 -16.61 -7.73
CA HIS C 227 12.73 -16.18 -8.44
C HIS C 227 13.00 -14.71 -8.26
N THR C 228 14.28 -14.36 -8.20
CA THR C 228 14.69 -12.98 -8.04
C THR C 228 14.70 -12.31 -9.41
N ILE C 229 13.88 -11.27 -9.54
CA ILE C 229 13.71 -10.52 -10.78
C ILE C 229 14.18 -9.10 -10.57
N GLY C 230 14.62 -8.75 -9.36
CA GLY C 230 15.11 -7.41 -9.14
C GLY C 230 15.78 -7.13 -7.82
N VAL C 231 16.36 -5.93 -7.72
CA VAL C 231 16.97 -5.50 -6.47
C VAL C 231 16.28 -4.24 -5.97
N ASN C 232 15.68 -4.32 -4.79
CA ASN C 232 15.03 -3.14 -4.20
C ASN C 232 16.01 -1.98 -4.03
N THR C 233 15.64 -0.79 -4.51
CA THR C 233 16.39 0.41 -4.17
C THR C 233 15.50 1.37 -3.38
N ALA C 234 16.09 2.40 -2.81
CA ALA C 234 15.31 3.40 -2.10
C ALA C 234 15.99 4.75 -2.14
N THR C 235 17.20 4.79 -2.70
CA THR C 235 17.96 6.03 -2.77
C THR C 235 17.19 7.10 -3.56
N PHE C 236 16.21 6.66 -4.35
CA PHE C 236 15.36 7.58 -5.10
C PHE C 236 14.01 7.73 -4.40
N VAL C 247 5.29 5.06 -4.49
CA VAL C 247 6.02 4.81 -5.73
C VAL C 247 7.43 4.24 -5.52
N ASN C 248 7.61 2.96 -5.84
CA ASN C 248 8.83 2.23 -5.49
C ASN C 248 9.49 1.57 -6.69
N PHE C 249 10.81 1.44 -6.64
CA PHE C 249 11.58 0.97 -7.79
C PHE C 249 12.58 -0.12 -7.46
N ALA C 250 12.74 -1.07 -8.39
CA ALA C 250 13.79 -2.08 -8.31
C ALA C 250 14.68 -2.03 -9.54
N ILE C 251 15.95 -2.38 -9.35
CA ILE C 251 16.87 -2.54 -10.46
C ILE C 251 16.66 -3.93 -11.03
N PRO C 252 16.42 -4.00 -12.34
CA PRO C 252 16.05 -5.26 -12.97
C PRO C 252 17.15 -6.30 -12.84
N ILE C 253 16.76 -7.56 -12.64
CA ILE C 253 17.75 -8.61 -12.43
C ILE C 253 18.64 -8.85 -13.64
N ASP C 254 18.16 -8.47 -14.82
CA ASP C 254 18.96 -8.61 -16.03
C ASP C 254 20.19 -7.71 -16.05
N THR C 255 20.06 -6.52 -15.49
CA THR C 255 21.20 -5.62 -15.37
C THR C 255 22.22 -6.18 -14.40
N VAL C 256 21.74 -6.87 -13.38
CA VAL C 256 22.60 -7.44 -12.33
C VAL C 256 23.33 -8.69 -12.84
N VAL C 257 22.65 -9.46 -13.67
CA VAL C 257 23.22 -10.67 -14.22
C VAL C 257 24.35 -10.35 -15.20
N ARG C 258 24.24 -9.24 -15.94
CA ARG C 258 25.29 -8.80 -16.86
C ARG C 258 26.46 -8.19 -16.12
N THR C 259 26.20 -7.57 -14.97
CA THR C 259 27.19 -6.73 -14.31
C THR C 259 27.96 -7.41 -13.18
N VAL C 260 27.29 -8.25 -12.40
CA VAL C 260 27.91 -8.81 -11.22
C VAL C 260 29.14 -9.69 -11.49
N PRO C 261 29.11 -10.50 -12.55
CA PRO C 261 30.31 -11.29 -12.91
C PRO C 261 31.55 -10.42 -13.18
N TYR C 262 31.37 -9.23 -13.74
CA TYR C 262 32.49 -8.31 -13.92
C TYR C 262 32.98 -7.66 -12.62
N LEU C 263 32.07 -7.40 -11.68
CA LEU C 263 32.49 -6.82 -10.41
C LEU C 263 33.28 -7.86 -9.62
N ILE C 264 32.90 -9.12 -9.77
CA ILE C 264 33.58 -10.18 -9.05
C ILE C 264 34.97 -10.40 -9.64
N VAL C 265 35.06 -10.45 -10.96
CA VAL C 265 36.31 -10.85 -11.59
C VAL C 265 37.26 -9.67 -11.83
N TYR C 266 36.74 -8.52 -12.26
CA TYR C 266 37.59 -7.37 -12.57
C TYR C 266 37.54 -6.29 -11.50
N GLY C 267 36.51 -6.32 -10.67
CA GLY C 267 36.34 -5.29 -9.65
C GLY C 267 35.68 -4.00 -10.14
N THR C 268 35.26 -3.97 -11.40
CA THR C 268 34.42 -2.87 -11.95
C THR C 268 33.58 -3.36 -13.13
N ALA C 269 32.52 -2.62 -13.46
CA ALA C 269 31.66 -2.98 -14.59
C ALA C 269 32.43 -2.92 -15.90
CA CA D . -1.83 -19.86 -15.29
CA CA E . -4.69 -10.92 -3.92
CA CA F . 1.19 2.17 0.60
CA CA G . -18.18 -15.33 -8.14
CA CA H . -5.87 -24.35 2.16
#